data_8EB9
#
_entry.id   8EB9
#
_cell.length_a   51.814
_cell.length_b   51.814
_cell.length_c   81.599
_cell.angle_alpha   90.000
_cell.angle_beta   90.000
_cell.angle_gamma   90.000
#
_symmetry.space_group_name_H-M   'P 43 2 2'
#
loop_
_entity.id
_entity.type
_entity.pdbx_description
1 polymer 'Secreted in xylem Six8'
2 non-polymer 'SULFATE ION'
3 water water
#
_entity_poly.entity_id   1
_entity_poly.type   'polypeptide(L)'
_entity_poly.pdbx_seq_one_letter_code
;GSDTSGILLASITGAGSAFQAYAGCYLTAFRNDPRTLTLRMDKTRGERISNVLVILSGGALSHAVEEVVQIAPGAVRNLA
TLGASTVQFLHNFRS
;
_entity_poly.pdbx_strand_id   A
#
loop_
_chem_comp.id
_chem_comp.type
_chem_comp.name
_chem_comp.formula
SO4 non-polymer 'SULFATE ION' 'O4 S -2'
#
# COMPACT_ATOMS: atom_id res chain seq x y z
N THR A 4 11.17 -0.47 -9.06
CA THR A 4 11.50 -1.64 -8.24
C THR A 4 12.26 -1.16 -7.01
N SER A 5 11.51 -0.52 -6.11
CA SER A 5 11.99 -0.05 -4.83
C SER A 5 10.80 -0.14 -3.90
N GLY A 6 11.07 -0.43 -2.65
CA GLY A 6 10.02 -0.47 -1.67
C GLY A 6 10.37 -1.41 -0.55
N ILE A 7 9.36 -1.73 0.22
CA ILE A 7 9.48 -2.69 1.31
C ILE A 7 9.17 -4.07 0.72
N LEU A 8 9.81 -5.11 1.24
CA LEU A 8 9.45 -6.46 0.83
C LEU A 8 8.12 -6.82 1.51
N LEU A 9 7.20 -7.36 0.72
CA LEU A 9 5.92 -7.81 1.26
C LEU A 9 6.10 -8.82 2.39
N ALA A 10 7.15 -9.65 2.29
CA ALA A 10 7.44 -10.61 3.36
C ALA A 10 7.67 -9.94 4.71
N SER A 11 8.01 -8.67 4.74
CA SER A 11 8.24 -7.93 5.97
C SER A 11 6.99 -7.30 6.54
N ILE A 12 5.87 -7.37 5.82
CA ILE A 12 4.59 -6.87 6.31
C ILE A 12 3.79 -8.05 6.82
N THR A 13 3.33 -7.97 8.04
CA THR A 13 2.64 -9.08 8.68
C THR A 13 1.22 -8.66 9.04
N GLY A 14 0.53 -9.53 9.78
CA GLY A 14 -0.79 -9.19 10.28
C GLY A 14 -0.77 -8.07 11.29
N ALA A 15 0.39 -7.81 11.89
CA ALA A 15 0.52 -6.77 12.89
C ALA A 15 0.43 -5.39 12.27
N GLY A 16 0.95 -5.22 11.06
CA GLY A 16 0.89 -4.01 10.27
C GLY A 16 2.10 -3.13 10.42
N SER A 17 2.37 -2.34 9.38
CA SER A 17 3.44 -1.36 9.35
C SER A 17 2.89 -0.06 8.78
N ALA A 18 3.38 1.04 9.31
CA ALA A 18 2.88 2.37 8.98
C ALA A 18 3.83 3.08 8.02
N PHE A 19 3.25 3.79 7.05
CA PHE A 19 3.98 4.46 5.98
C PHE A 19 3.48 5.87 5.81
N GLN A 20 4.36 6.73 5.38
CA GLN A 20 4.02 8.04 4.87
C GLN A 20 4.06 7.95 3.35
N ALA A 21 2.90 7.98 2.70
CA ALA A 21 2.90 7.85 1.25
C ALA A 21 3.42 9.11 0.56
N TYR A 22 3.13 10.26 1.12
CA TYR A 22 3.57 11.57 0.63
C TYR A 22 3.27 12.54 1.76
N ALA A 23 3.62 13.79 1.59
CA ALA A 23 3.49 14.75 2.67
C ALA A 23 2.07 14.76 3.24
N GLY A 24 1.97 14.48 4.53
CA GLY A 24 0.73 14.56 5.24
C GLY A 24 -0.19 13.36 5.07
N CYS A 25 0.19 12.36 4.28
CA CYS A 25 -0.65 11.20 4.00
C CYS A 25 0.00 9.96 4.59
N TYR A 26 -0.69 9.35 5.54
CA TYR A 26 -0.20 8.21 6.30
C TYR A 26 -1.20 7.06 6.19
N LEU A 27 -0.66 5.85 6.04
CA LEU A 27 -1.45 4.64 5.93
C LEU A 27 -0.75 3.50 6.66
N THR A 28 -1.52 2.46 7.00
CA THR A 28 -0.99 1.25 7.61
C THR A 28 -1.28 0.11 6.65
N ALA A 29 -0.29 -0.73 6.41
CA ALA A 29 -0.43 -1.90 5.56
C ALA A 29 -0.37 -3.15 6.43
N PHE A 30 -1.30 -4.06 6.19
CA PHE A 30 -1.38 -5.34 6.86
C PHE A 30 -1.38 -6.45 5.83
N ARG A 31 -0.79 -7.58 6.17
CA ARG A 31 -0.78 -8.73 5.28
C ARG A 31 -1.39 -9.87 6.09
N ASN A 32 -2.68 -10.10 5.89
CA ASN A 32 -3.44 -11.09 6.65
C ASN A 32 -3.48 -12.43 5.96
N ASP A 33 -3.00 -12.50 4.73
CA ASP A 33 -2.79 -13.76 4.03
C ASP A 33 -1.82 -13.49 2.89
N PRO A 34 -1.24 -14.55 2.32
CA PRO A 34 -0.15 -14.38 1.34
C PRO A 34 -0.60 -13.82 0.01
N ARG A 35 -1.90 -13.63 -0.21
CA ARG A 35 -2.39 -13.18 -1.50
C ARG A 35 -2.88 -11.75 -1.50
N THR A 36 -2.98 -11.11 -0.34
CA THR A 36 -3.67 -9.83 -0.22
C THR A 36 -2.86 -8.87 0.62
N LEU A 37 -3.00 -7.60 0.31
CA LEU A 37 -2.44 -6.51 1.08
C LEU A 37 -3.61 -5.62 1.47
N THR A 38 -3.76 -5.33 2.76
CA THR A 38 -4.84 -4.51 3.26
C THR A 38 -4.29 -3.17 3.69
N LEU A 39 -4.81 -2.10 3.11
CA LEU A 39 -4.34 -0.76 3.39
C LEU A 39 -5.41 -0.02 4.15
N ARG A 40 -5.06 0.51 5.33
CA ARG A 40 -5.96 1.36 6.07
C ARG A 40 -5.41 2.78 6.01
N MET A 41 -6.24 3.72 5.57
CA MET A 41 -5.83 5.10 5.49
C MET A 41 -5.91 5.68 6.90
N ASP A 42 -4.83 6.27 7.38
CA ASP A 42 -4.80 6.79 8.75
C ASP A 42 -5.00 8.30 8.84
N LYS A 43 -4.45 9.06 7.90
CA LYS A 43 -4.45 10.51 7.98
C LYS A 43 -4.12 11.08 6.61
N THR A 44 -4.74 12.21 6.28
CA THR A 44 -4.37 12.95 5.08
C THR A 44 -4.43 14.42 5.47
N ARG A 45 -3.79 15.28 4.68
CA ARG A 45 -3.90 16.71 4.94
C ARG A 45 -5.38 17.13 4.81
N GLY A 46 -5.88 17.85 5.81
CA GLY A 46 -7.28 18.24 5.83
C GLY A 46 -8.26 17.10 6.01
N GLU A 47 -7.77 15.88 6.24
CA GLU A 47 -8.60 14.67 6.27
C GLU A 47 -9.43 14.52 5.00
N ARG A 48 -8.86 14.96 3.88
CA ARG A 48 -9.46 14.79 2.57
C ARG A 48 -9.19 13.39 2.01
N ILE A 49 -9.86 13.06 0.91
CA ILE A 49 -9.62 11.77 0.29
C ILE A 49 -8.16 11.66 -0.12
N SER A 50 -7.59 10.47 0.06
CA SER A 50 -6.21 10.21 -0.31
C SER A 50 -6.03 10.19 -1.82
N ASN A 51 -4.78 10.20 -2.24
CA ASN A 51 -4.45 10.06 -3.65
C ASN A 51 -3.11 9.34 -3.78
N VAL A 52 -3.12 8.07 -3.41
CA VAL A 52 -1.93 7.24 -3.28
C VAL A 52 -1.77 6.40 -4.55
N LEU A 53 -0.53 6.29 -5.01
CA LEU A 53 -0.16 5.30 -6.02
C LEU A 53 0.58 4.17 -5.32
N VAL A 54 0.05 2.96 -5.47
CA VAL A 54 0.68 1.76 -4.95
C VAL A 54 1.39 1.08 -6.11
N ILE A 55 2.67 0.76 -5.96
CA ILE A 55 3.42 0.04 -6.99
C ILE A 55 3.84 -1.31 -6.44
N LEU A 56 3.40 -2.39 -7.11
CA LEU A 56 3.79 -3.76 -6.82
C LEU A 56 4.82 -4.20 -7.86
N SER A 57 5.88 -4.86 -7.43
CA SER A 57 6.91 -5.29 -8.35
C SER A 57 7.61 -6.52 -7.85
N GLY A 58 8.39 -7.12 -8.74
CA GLY A 58 9.22 -8.26 -8.40
C GLY A 58 8.42 -9.54 -8.22
N GLY A 59 9.15 -10.58 -7.78
CA GLY A 59 8.50 -11.86 -7.55
C GLY A 59 7.97 -12.45 -8.85
N ALA A 60 6.69 -12.81 -8.84
CA ALA A 60 6.05 -13.35 -10.02
C ALA A 60 5.81 -12.30 -11.11
N LEU A 61 5.96 -11.01 -10.81
CA LEU A 61 5.67 -9.97 -11.79
C LEU A 61 6.91 -9.69 -12.61
N SER A 62 6.81 -9.86 -13.94
CA SER A 62 7.92 -9.50 -14.80
C SER A 62 8.08 -7.99 -14.94
N HIS A 63 7.00 -7.24 -14.72
CA HIS A 63 6.97 -5.79 -14.82
C HIS A 63 6.01 -5.27 -13.75
N ALA A 64 6.29 -4.08 -13.24
CA ALA A 64 5.53 -3.56 -12.11
C ALA A 64 4.10 -3.25 -12.53
N VAL A 65 3.19 -3.32 -11.55
CA VAL A 65 1.79 -2.97 -11.68
C VAL A 65 1.50 -1.89 -10.64
N GLU A 66 0.64 -0.96 -10.98
CA GLU A 66 0.32 0.18 -10.12
C GLU A 66 -1.19 0.24 -9.91
N GLU A 67 -1.60 0.80 -8.79
CA GLU A 67 -2.99 0.94 -8.43
C GLU A 67 -3.16 2.25 -7.69
N VAL A 68 -4.21 2.96 -8.02
CA VAL A 68 -4.54 4.22 -7.39
C VAL A 68 -5.51 3.97 -6.24
N VAL A 69 -5.24 4.59 -5.09
CA VAL A 69 -6.06 4.41 -3.88
C VAL A 69 -6.49 5.79 -3.41
N GLN A 70 -7.78 6.08 -3.57
CA GLN A 70 -8.39 7.36 -3.24
C GLN A 70 -9.51 7.06 -2.24
N ILE A 71 -9.17 7.05 -0.96
CA ILE A 71 -10.11 6.68 0.11
C ILE A 71 -9.93 7.65 1.27
N ALA A 72 -10.95 7.74 2.11
CA ALA A 72 -10.97 8.61 3.29
C ALA A 72 -10.17 8.00 4.44
N PRO A 73 -9.62 8.84 5.32
CA PRO A 73 -9.05 8.32 6.57
C PRO A 73 -10.07 7.45 7.28
N GLY A 74 -9.61 6.29 7.71
CA GLY A 74 -10.43 5.29 8.34
C GLY A 74 -10.89 4.20 7.40
N ALA A 75 -10.88 4.45 6.09
CA ALA A 75 -11.32 3.47 5.13
C ALA A 75 -10.20 2.46 4.88
N VAL A 76 -10.58 1.29 4.32
CA VAL A 76 -9.66 0.22 4.02
C VAL A 76 -9.81 -0.15 2.55
N ARG A 77 -8.67 -0.48 1.92
CA ARG A 77 -8.62 -0.99 0.54
C ARG A 77 -7.84 -2.30 0.57
N ASN A 78 -8.44 -3.38 0.07
CA ASN A 78 -7.76 -4.65 -0.10
C ASN A 78 -7.27 -4.77 -1.52
N LEU A 79 -6.05 -5.21 -1.69
CA LEU A 79 -5.59 -5.48 -3.05
C LEU A 79 -4.85 -6.80 -3.13
N ALA A 80 -5.01 -7.46 -4.27
CA ALA A 80 -4.28 -8.69 -4.52
C ALA A 80 -2.83 -8.33 -4.77
N THR A 81 -1.90 -9.12 -4.22
CA THR A 81 -0.49 -8.79 -4.41
C THR A 81 0.16 -9.45 -5.63
N LEU A 82 -0.53 -10.37 -6.29
CA LEU A 82 -0.14 -10.87 -7.60
C LEU A 82 1.22 -11.58 -7.58
N GLY A 83 1.63 -12.11 -6.44
CA GLY A 83 2.93 -12.74 -6.37
C GLY A 83 4.09 -11.77 -6.36
N ALA A 84 3.83 -10.48 -6.16
CA ALA A 84 4.91 -9.50 -6.11
C ALA A 84 5.82 -9.78 -4.93
N SER A 85 7.05 -9.26 -5.01
CA SER A 85 7.94 -9.27 -3.85
C SER A 85 7.93 -7.98 -3.07
N THR A 86 7.65 -6.86 -3.73
CA THR A 86 7.96 -5.53 -3.21
C THR A 86 6.76 -4.62 -3.42
N VAL A 87 6.57 -3.68 -2.49
CA VAL A 87 5.52 -2.67 -2.62
C VAL A 87 6.06 -1.32 -2.21
N GLN A 88 5.60 -0.29 -2.90
CA GLN A 88 5.90 1.09 -2.59
C GLN A 88 4.64 1.92 -2.63
N PHE A 89 4.60 2.95 -1.78
CA PHE A 89 3.50 3.90 -1.73
C PHE A 89 4.02 5.29 -2.03
N LEU A 90 3.37 5.97 -2.98
CA LEU A 90 3.78 7.28 -3.46
C LEU A 90 2.55 8.15 -3.69
N HIS A 91 2.78 9.41 -4.02
CA HIS A 91 1.70 10.28 -4.44
C HIS A 91 1.35 9.98 -5.89
N ASN A 92 0.06 9.84 -6.17
CA ASN A 92 -0.44 9.76 -7.54
C ASN A 92 -0.53 11.15 -8.17
S SO4 B . -12.27 -3.38 -1.21
O1 SO4 B . -11.02 -2.69 -1.01
O2 SO4 B . -12.06 -4.71 -0.65
O3 SO4 B . -12.58 -3.49 -2.66
O4 SO4 B . -13.40 -2.79 -0.47
#